data_9J1E
#
_entry.id   9J1E
#
_cell.length_a   107.710
_cell.length_b   107.710
_cell.length_c   44.402
_cell.angle_alpha   90.000
_cell.angle_beta   90.000
_cell.angle_gamma   120.000
#
_symmetry.space_group_name_H-M   'P 63'
#
loop_
_entity.id
_entity.type
_entity.pdbx_description
1 polymer 'Alpha/beta hydrolase fold-3 domain-containing protein'
2 non-polymer 1,2-ETHANEDIOL
3 non-polymer 'MALONATE ION'
4 non-polymer 'ACETYL GROUP'
5 water water
#
_entity_poly.entity_id   1
_entity_poly.type   'polypeptide(L)'
_entity_poly.pdbx_seq_one_letter_code
;HHHHHHMPLDPRVEQFLAQMPPLNREGLSLAEARQQFKQGALLLDQMVPPPPVDTEDGTVVTTHGPVRIRRYIPDRLRFS
HPLVFYHGGGFVFGDIDTHHGLVARLCQTVGATVISVDYSLAPEAKFPVPVAECIDVARWAAHEAPGWGLKPSIVVAGDS
AGGNLAAVVSQRAKDESLPIAAQLLFYPALDMVHETPSKRDFARGYLLEADAMQWFGEQYLRTPDDVSHPWASPALSPDL
TGLPPALVITAEYDPLRDEGEAYAEALRAAGVPTEQIRFDGMIHGFMTMPIFPQMEAAIEAVARFLERID
;
_entity_poly.pdbx_strand_id   A
#
loop_
_chem_comp.id
_chem_comp.type
_chem_comp.name
_chem_comp.formula
ACE non-polymer 'ACETYL GROUP' 'C2 H4 O'
EDO non-polymer 1,2-ETHANEDIOL 'C2 H6 O2'
MLI non-polymer 'MALONATE ION' 'C3 H2 O4 -2'
#
# COMPACT_ATOMS: atom_id res chain seq x y z
N MET A 7 19.86 6.92 -12.39
CA MET A 7 20.77 7.14 -11.22
CA MET A 7 20.85 7.15 -11.29
C MET A 7 21.35 5.81 -10.73
N PRO A 8 22.56 5.72 -10.12
CA PRO A 8 23.02 4.40 -9.67
C PRO A 8 22.07 3.73 -8.69
N LEU A 9 22.06 2.40 -8.65
CA LEU A 9 21.39 1.73 -7.55
C LEU A 9 21.96 2.19 -6.22
N ASP A 10 21.09 2.29 -5.23
CA ASP A 10 21.51 2.51 -3.88
C ASP A 10 22.44 1.37 -3.48
N PRO A 11 23.57 1.67 -2.81
CA PRO A 11 24.48 0.59 -2.42
C PRO A 11 23.91 -0.56 -1.60
N ARG A 12 23.11 -0.24 -0.58
N ARG A 12 23.11 -0.25 -0.57
CA ARG A 12 22.53 -1.29 0.24
CA ARG A 12 22.53 -1.32 0.24
C ARG A 12 21.52 -2.14 -0.56
C ARG A 12 21.51 -2.15 -0.55
N VAL A 13 20.78 -1.50 -1.46
CA VAL A 13 19.85 -2.21 -2.34
C VAL A 13 20.65 -3.15 -3.23
N GLU A 14 21.75 -2.65 -3.79
CA GLU A 14 22.63 -3.41 -4.66
C GLU A 14 23.14 -4.68 -3.94
N GLN A 15 23.45 -4.55 -2.64
CA GLN A 15 23.96 -5.69 -1.86
C GLN A 15 22.84 -6.66 -1.54
N PHE A 16 21.65 -6.13 -1.20
CA PHE A 16 20.47 -6.96 -0.97
C PHE A 16 20.17 -7.84 -2.19
N LEU A 17 20.11 -7.23 -3.38
CA LEU A 17 19.78 -7.96 -4.59
C LEU A 17 20.84 -9.02 -4.88
N ALA A 18 22.11 -8.71 -4.56
CA ALA A 18 23.22 -9.63 -4.83
C ALA A 18 23.08 -10.88 -3.98
N GLN A 19 22.44 -10.80 -2.80
CA GLN A 19 22.48 -11.90 -1.86
CA GLN A 19 22.47 -11.91 -1.87
C GLN A 19 21.14 -12.65 -1.85
N MET A 20 20.22 -12.28 -2.77
CA MET A 20 18.99 -13.04 -2.94
C MET A 20 19.29 -14.39 -3.58
N PRO A 21 18.61 -15.48 -3.16
CA PRO A 21 18.75 -16.80 -3.82
C PRO A 21 18.27 -16.87 -5.28
N LEU A 28 7.07 -24.33 -5.30
CA LEU A 28 6.45 -24.23 -3.94
C LEU A 28 4.94 -24.37 -4.10
N SER A 29 4.30 -24.87 -3.06
CA SER A 29 2.86 -24.69 -2.99
C SER A 29 2.57 -23.25 -2.61
N LEU A 30 1.28 -22.95 -2.71
CA LEU A 30 0.73 -21.65 -2.36
C LEU A 30 0.99 -21.42 -0.88
N ALA A 31 0.66 -22.44 -0.08
CA ALA A 31 0.87 -22.34 1.36
C ALA A 31 2.34 -22.06 1.64
N GLU A 32 3.22 -22.78 0.93
CA GLU A 32 4.66 -22.66 1.11
C GLU A 32 5.15 -21.29 0.64
N ALA A 33 4.61 -20.78 -0.47
CA ALA A 33 5.02 -19.49 -0.98
C ALA A 33 4.60 -18.38 -0.02
N ARG A 34 3.41 -18.52 0.59
CA ARG A 34 2.95 -17.55 1.58
C ARG A 34 3.80 -17.59 2.83
N GLN A 35 4.18 -18.79 3.26
CA GLN A 35 5.08 -18.93 4.39
C GLN A 35 6.46 -18.31 4.11
N GLN A 36 6.98 -18.52 2.90
CA GLN A 36 8.26 -17.97 2.50
CA GLN A 36 8.27 -17.97 2.52
C GLN A 36 8.22 -16.44 2.54
N PHE A 37 7.12 -15.87 2.02
CA PHE A 37 6.97 -14.42 2.09
C PHE A 37 6.99 -13.95 3.55
N LYS A 38 6.25 -14.64 4.42
CA LYS A 38 6.19 -14.21 5.81
C LYS A 38 7.56 -14.34 6.48
N GLN A 39 8.29 -15.41 6.14
CA GLN A 39 9.60 -15.62 6.73
CA GLN A 39 9.61 -15.62 6.74
C GLN A 39 10.57 -14.50 6.35
N GLY A 40 10.53 -14.07 5.09
CA GLY A 40 11.37 -12.98 4.62
C GLY A 40 11.07 -11.68 5.39
N ALA A 41 9.78 -11.40 5.61
CA ALA A 41 9.39 -10.23 6.38
C ALA A 41 9.87 -10.34 7.82
N LEU A 42 9.70 -11.52 8.42
CA LEU A 42 10.22 -11.71 9.76
C LEU A 42 11.73 -11.44 9.83
N LEU A 43 12.47 -11.95 8.85
CA LEU A 43 13.93 -11.78 8.88
C LEU A 43 14.28 -10.29 8.87
N LEU A 44 13.54 -9.50 8.08
CA LEU A 44 13.88 -8.10 7.95
C LEU A 44 13.57 -7.38 9.25
N ASP A 45 12.54 -7.83 9.94
CA ASP A 45 12.19 -7.21 11.21
C ASP A 45 13.19 -7.56 12.29
N GLN A 46 13.74 -8.78 12.24
CA GLN A 46 14.78 -9.19 13.15
C GLN A 46 16.03 -8.35 12.92
N MET A 47 16.32 -7.99 11.68
CA MET A 47 17.51 -7.21 11.42
CA MET A 47 17.51 -7.20 11.37
C MET A 47 17.31 -5.77 11.88
N VAL A 48 16.08 -5.24 11.76
CA VAL A 48 15.87 -3.86 12.14
C VAL A 48 14.54 -3.80 12.88
N PRO A 49 14.54 -4.07 14.19
CA PRO A 49 13.29 -4.19 14.92
C PRO A 49 12.35 -2.98 14.83
N PRO A 50 11.03 -3.24 14.80
CA PRO A 50 10.09 -2.14 14.81
C PRO A 50 9.98 -1.46 16.15
N PRO A 51 9.51 -0.19 16.15
CA PRO A 51 9.30 0.50 17.40
C PRO A 51 8.23 -0.22 18.17
N PRO A 52 8.31 -0.30 19.51
CA PRO A 52 7.13 -0.68 20.27
C PRO A 52 5.93 0.24 19.97
N VAL A 53 4.74 -0.35 20.02
CA VAL A 53 3.51 0.37 19.76
C VAL A 53 2.34 -0.41 20.33
N ASP A 54 1.42 0.31 20.95
CA ASP A 54 0.22 -0.30 21.47
C ASP A 54 -0.70 -0.71 20.32
N THR A 55 -1.24 -1.93 20.38
CA THR A 55 -2.15 -2.36 19.33
C THR A 55 -3.31 -3.12 19.95
N GLU A 56 -4.38 -3.19 19.18
CA GLU A 56 -5.61 -3.89 19.51
C GLU A 56 -6.11 -4.60 18.25
N ASP A 57 -6.32 -5.90 18.37
CA ASP A 57 -6.85 -6.69 17.28
C ASP A 57 -8.38 -6.67 17.33
N GLY A 58 -9.00 -6.78 16.16
CA GLY A 58 -10.44 -6.83 16.07
C GLY A 58 -10.86 -7.34 14.71
N THR A 59 -12.18 -7.34 14.50
CA THR A 59 -12.77 -7.86 13.28
C THR A 59 -13.90 -6.95 12.86
N VAL A 60 -13.88 -6.59 11.57
CA VAL A 60 -14.87 -5.74 11.00
C VAL A 60 -15.80 -6.61 10.14
N VAL A 61 -17.12 -6.38 10.30
CA VAL A 61 -18.12 -7.06 9.48
C VAL A 61 -18.18 -6.32 8.14
N THR A 62 -17.86 -7.02 7.07
CA THR A 62 -17.95 -6.47 5.73
C THR A 62 -19.04 -7.20 4.96
N THR A 63 -19.29 -6.70 3.75
CA THR A 63 -20.26 -7.31 2.86
C THR A 63 -19.79 -8.65 2.29
N HIS A 64 -18.51 -9.00 2.48
CA HIS A 64 -18.00 -10.28 2.02
C HIS A 64 -17.50 -11.13 3.19
N GLY A 65 -17.80 -10.71 4.41
CA GLY A 65 -17.48 -11.51 5.55
C GLY A 65 -16.59 -10.75 6.55
N PRO A 66 -16.28 -11.40 7.67
CA PRO A 66 -15.40 -10.79 8.65
C PRO A 66 -13.99 -10.53 8.11
N VAL A 67 -13.48 -9.34 8.42
CA VAL A 67 -12.14 -8.98 8.04
C VAL A 67 -11.39 -8.55 9.29
N ARG A 68 -10.32 -9.28 9.59
CA ARG A 68 -9.48 -8.94 10.73
C ARG A 68 -8.75 -7.65 10.46
N ILE A 69 -8.65 -6.89 11.56
CA ILE A 69 -7.91 -5.64 11.60
C ILE A 69 -7.05 -5.58 12.84
N ARG A 70 -6.10 -4.66 12.78
CA ARG A 70 -5.29 -4.33 13.95
C ARG A 70 -5.21 -2.81 14.01
N ARG A 71 -5.61 -2.26 15.15
CA ARG A 71 -5.54 -0.84 15.38
CA ARG A 71 -5.53 -0.84 15.38
C ARG A 71 -4.25 -0.52 16.12
N TYR A 72 -3.50 0.41 15.59
CA TYR A 72 -2.27 0.89 16.18
C TYR A 72 -2.57 2.23 16.83
N ILE A 73 -2.12 2.39 18.09
CA ILE A 73 -2.37 3.58 18.86
C ILE A 73 -1.03 4.26 19.12
N PRO A 74 -0.83 5.50 18.64
CA PRO A 74 0.48 6.14 18.83
C PRO A 74 0.69 6.51 20.30
N ASP A 75 1.96 6.59 20.68
CA ASP A 75 2.29 7.08 22.01
C ASP A 75 1.66 8.44 22.23
N ARG A 76 1.75 9.27 21.19
CA ARG A 76 1.22 10.61 21.25
C ARG A 76 0.48 10.92 19.96
N LEU A 77 -0.81 11.17 20.09
CA LEU A 77 -1.72 11.38 18.97
C LEU A 77 -1.57 12.82 18.50
N ARG A 78 -1.24 12.98 17.22
CA ARG A 78 -0.91 14.30 16.68
CA ARG A 78 -0.89 14.29 16.67
C ARG A 78 -1.61 14.57 15.36
N PHE A 79 -2.22 13.55 14.76
CA PHE A 79 -2.87 13.66 13.47
C PHE A 79 -4.36 13.35 13.62
N SER A 80 -5.22 14.19 13.05
CA SER A 80 -6.63 14.24 13.40
CA SER A 80 -6.63 14.23 13.40
C SER A 80 -7.50 13.31 12.55
N HIS A 81 -6.91 12.47 11.69
CA HIS A 81 -7.70 11.53 10.91
C HIS A 81 -7.16 10.13 11.15
N PRO A 82 -8.01 9.09 11.22
CA PRO A 82 -7.49 7.73 11.20
C PRO A 82 -6.90 7.37 9.83
N LEU A 83 -5.83 6.57 9.82
CA LEU A 83 -5.30 5.97 8.62
C LEU A 83 -5.85 4.57 8.54
N VAL A 84 -6.21 4.17 7.32
CA VAL A 84 -6.57 2.81 7.03
C VAL A 84 -5.58 2.28 6.00
N PHE A 85 -4.85 1.23 6.41
CA PHE A 85 -3.72 0.74 5.66
C PHE A 85 -4.00 -0.65 5.09
N TYR A 86 -3.75 -0.79 3.80
CA TYR A 86 -3.93 -2.02 3.08
C TYR A 86 -2.55 -2.55 2.63
N HIS A 87 -2.19 -3.71 3.18
CA HIS A 87 -0.88 -4.28 2.85
C HIS A 87 -0.78 -4.74 1.42
N GLY A 88 0.44 -4.77 0.89
CA GLY A 88 0.78 -5.37 -0.38
C GLY A 88 1.10 -6.85 -0.31
N GLY A 89 1.54 -7.40 -1.45
CA GLY A 89 1.76 -8.83 -1.60
C GLY A 89 1.10 -9.44 -2.84
N GLY A 90 0.82 -8.61 -3.86
CA GLY A 90 0.34 -9.10 -5.15
C GLY A 90 -1.08 -9.67 -5.12
N PHE A 91 -1.83 -9.32 -4.07
CA PHE A 91 -3.19 -9.80 -3.76
C PHE A 91 -3.22 -11.22 -3.22
N VAL A 92 -2.03 -11.85 -3.10
CA VAL A 92 -1.92 -13.28 -2.78
C VAL A 92 -1.15 -13.54 -1.47
N PHE A 93 -0.20 -12.68 -1.14
CA PHE A 93 0.70 -12.82 0.00
C PHE A 93 0.44 -11.66 0.95
N GLY A 94 1.03 -11.81 2.14
CA GLY A 94 1.06 -10.75 3.11
C GLY A 94 -0.09 -10.82 4.10
N ASP A 95 0.07 -10.08 5.16
CA ASP A 95 -0.92 -9.99 6.21
C ASP A 95 -0.54 -8.84 7.14
N ILE A 96 -1.27 -8.71 8.23
CA ILE A 96 -1.01 -7.61 9.14
C ILE A 96 0.38 -7.78 9.76
N ASP A 97 0.81 -9.03 9.97
CA ASP A 97 2.14 -9.24 10.55
C ASP A 97 3.23 -8.88 9.57
N THR A 98 3.08 -9.19 8.28
CA THR A 98 4.17 -8.90 7.35
C THR A 98 4.47 -7.43 7.28
N HIS A 99 3.41 -6.61 7.50
CA HIS A 99 3.50 -5.16 7.29
C HIS A 99 3.49 -4.40 8.61
N HIS A 100 3.68 -5.13 9.72
CA HIS A 100 3.72 -4.47 11.01
C HIS A 100 4.93 -3.49 11.14
N GLY A 101 6.04 -3.81 10.51
CA GLY A 101 7.22 -2.94 10.63
C GLY A 101 7.01 -1.54 10.03
N LEU A 102 6.25 -1.51 8.90
CA LEU A 102 5.86 -0.27 8.26
C LEU A 102 4.75 0.40 9.06
N VAL A 103 3.72 -0.36 9.46
CA VAL A 103 2.57 0.27 10.07
C VAL A 103 2.92 0.83 11.46
N ALA A 104 3.75 0.10 12.24
CA ALA A 104 4.18 0.57 13.54
C ALA A 104 4.88 1.93 13.44
N ARG A 105 5.72 2.06 12.41
CA ARG A 105 6.47 3.28 12.17
C ARG A 105 5.56 4.39 11.68
N LEU A 106 4.64 4.09 10.72
CA LEU A 106 3.65 5.09 10.35
C LEU A 106 2.91 5.63 11.58
N CYS A 107 2.42 4.72 12.40
CA CYS A 107 1.68 5.11 13.59
C CYS A 107 2.49 6.07 14.46
N GLN A 108 3.72 5.65 14.83
CA GLN A 108 4.51 6.39 15.81
C GLN A 108 5.13 7.66 15.23
N THR A 109 5.52 7.65 13.96
CA THR A 109 6.17 8.82 13.36
C THR A 109 5.15 9.88 12.98
N VAL A 110 4.02 9.45 12.41
CA VAL A 110 2.97 10.39 12.08
C VAL A 110 2.26 10.82 13.36
N GLY A 111 2.18 9.91 14.35
CA GLY A 111 1.33 10.16 15.49
C GLY A 111 -0.14 10.00 15.13
N ALA A 112 -0.44 8.90 14.44
CA ALA A 112 -1.77 8.64 13.94
C ALA A 112 -2.24 7.26 14.40
N THR A 113 -3.55 7.13 14.65
CA THR A 113 -4.12 5.81 14.77
CA THR A 113 -4.15 5.82 14.77
C THR A 113 -4.19 5.20 13.38
N VAL A 114 -3.78 3.96 13.24
CA VAL A 114 -3.75 3.28 11.98
C VAL A 114 -4.52 1.99 12.14
N ILE A 115 -5.38 1.74 11.14
CA ILE A 115 -6.10 0.48 11.07
C ILE A 115 -5.42 -0.34 9.97
N SER A 116 -4.79 -1.46 10.32
CA SER A 116 -4.17 -2.32 9.34
C SER A 116 -5.14 -3.45 8.99
N VAL A 117 -5.32 -3.71 7.69
CA VAL A 117 -6.44 -4.55 7.27
C VAL A 117 -5.96 -5.87 6.69
N ASP A 118 -6.54 -6.98 7.19
CA ASP A 118 -6.26 -8.31 6.70
CA ASP A 118 -6.26 -8.30 6.70
C ASP A 118 -7.35 -8.73 5.71
N TYR A 119 -7.33 -8.11 4.54
CA TYR A 119 -8.34 -8.36 3.50
C TYR A 119 -8.12 -9.77 2.93
N SER A 120 -9.17 -10.34 2.37
CA SER A 120 -9.13 -11.68 1.80
C SER A 120 -8.20 -11.76 0.60
N LEU A 121 -7.35 -12.80 0.62
CA LEU A 121 -6.37 -13.01 -0.44
C LEU A 121 -6.90 -13.90 -1.55
N ALA A 122 -6.29 -13.70 -2.71
CA ALA A 122 -6.48 -14.53 -3.88
C ALA A 122 -5.52 -15.70 -3.82
N PRO A 123 -5.77 -16.83 -4.48
CA PRO A 123 -6.95 -17.03 -5.34
C PRO A 123 -8.25 -17.45 -4.66
N GLU A 124 -8.21 -17.62 -3.34
CA GLU A 124 -9.40 -18.04 -2.61
C GLU A 124 -10.54 -17.02 -2.78
N ALA A 125 -10.23 -15.73 -2.59
CA ALA A 125 -11.11 -14.65 -2.96
C ALA A 125 -10.56 -14.02 -4.23
N LYS A 126 -11.47 -13.68 -5.13
CA LYS A 126 -11.03 -13.07 -6.37
CA LYS A 126 -11.16 -13.12 -6.43
C LYS A 126 -11.56 -11.65 -6.46
N PHE A 127 -10.94 -10.89 -7.33
CA PHE A 127 -11.41 -9.57 -7.72
C PHE A 127 -12.91 -9.63 -7.94
N PRO A 128 -13.71 -8.64 -7.47
CA PRO A 128 -13.30 -7.46 -6.71
C PRO A 128 -13.58 -7.54 -5.21
N VAL A 129 -13.57 -8.75 -4.67
CA VAL A 129 -13.90 -8.96 -3.27
C VAL A 129 -13.06 -8.07 -2.34
N PRO A 130 -11.70 -8.07 -2.40
CA PRO A 130 -10.97 -7.25 -1.45
C PRO A 130 -11.23 -5.76 -1.59
N VAL A 131 -11.61 -5.31 -2.80
CA VAL A 131 -11.95 -3.92 -2.98
C VAL A 131 -13.16 -3.58 -2.08
N ALA A 132 -14.19 -4.44 -2.17
CA ALA A 132 -15.37 -4.24 -1.34
C ALA A 132 -15.05 -4.25 0.13
N GLU A 133 -14.22 -5.24 0.55
CA GLU A 133 -13.85 -5.35 1.95
C GLU A 133 -13.14 -4.08 2.41
N CYS A 134 -12.25 -3.57 1.57
CA CYS A 134 -11.43 -2.41 1.93
C CYS A 134 -12.26 -1.14 2.05
N ILE A 135 -13.31 -1.01 1.20
CA ILE A 135 -14.30 0.06 1.34
C ILE A 135 -15.06 -0.07 2.66
N ASP A 136 -15.51 -1.29 2.95
CA ASP A 136 -16.28 -1.48 4.17
C ASP A 136 -15.48 -1.14 5.41
N VAL A 137 -14.20 -1.56 5.43
CA VAL A 137 -13.36 -1.26 6.57
C VAL A 137 -13.15 0.25 6.69
N ALA A 138 -12.91 0.93 5.57
CA ALA A 138 -12.75 2.37 5.62
C ALA A 138 -14.02 3.06 6.15
N ARG A 139 -15.21 2.57 5.77
CA ARG A 139 -16.48 3.12 6.22
C ARG A 139 -16.61 2.92 7.74
N TRP A 140 -16.22 1.73 8.20
CA TRP A 140 -16.22 1.46 9.63
C TRP A 140 -15.33 2.46 10.38
N ALA A 141 -14.13 2.68 9.85
CA ALA A 141 -13.19 3.56 10.52
C ALA A 141 -13.76 4.98 10.59
N ALA A 142 -14.39 5.44 9.50
CA ALA A 142 -14.97 6.76 9.50
C ALA A 142 -16.07 6.89 10.56
N HIS A 143 -16.87 5.84 10.76
CA HIS A 143 -17.91 5.87 11.78
CA HIS A 143 -17.90 5.83 11.78
C HIS A 143 -17.32 5.84 13.20
N GLU A 144 -16.23 5.11 13.41
CA GLU A 144 -15.60 5.01 14.72
C GLU A 144 -14.81 6.28 15.09
N ALA A 145 -14.36 7.04 14.08
CA ALA A 145 -13.35 8.07 14.29
C ALA A 145 -13.75 9.03 15.40
N PRO A 146 -15.00 9.57 15.46
CA PRO A 146 -15.33 10.50 16.56
C PRO A 146 -15.12 9.97 17.98
N GLY A 147 -15.27 8.65 18.19
CA GLY A 147 -15.12 8.06 19.50
C GLY A 147 -13.65 7.82 19.85
N TRP A 148 -12.78 7.99 18.85
CA TRP A 148 -11.34 8.08 19.06
C TRP A 148 -10.90 9.54 19.15
N GLY A 149 -11.86 10.47 19.16
CA GLY A 149 -11.57 11.90 19.22
C GLY A 149 -10.99 12.45 17.92
N LEU A 150 -11.38 11.85 16.79
CA LEU A 150 -10.80 12.18 15.50
C LEU A 150 -11.86 12.66 14.52
N LYS A 151 -11.41 13.25 13.40
CA LYS A 151 -12.30 13.63 12.32
C LYS A 151 -12.77 12.37 11.59
N PRO A 152 -14.01 12.34 11.08
CA PRO A 152 -14.53 11.16 10.35
C PRO A 152 -13.86 10.85 9.00
N SER A 153 -13.20 11.82 8.42
CA SER A 153 -12.59 11.58 7.14
C SER A 153 -11.30 10.80 7.34
N ILE A 154 -11.12 9.77 6.52
CA ILE A 154 -10.01 8.85 6.72
C ILE A 154 -8.94 9.14 5.68
N VAL A 155 -7.73 8.66 6.00
CA VAL A 155 -6.63 8.61 5.05
C VAL A 155 -6.43 7.15 4.69
N VAL A 156 -6.52 6.81 3.41
CA VAL A 156 -6.21 5.45 3.01
C VAL A 156 -4.75 5.39 2.54
N ALA A 157 -4.20 4.18 2.68
CA ALA A 157 -2.78 4.01 2.39
C ALA A 157 -2.54 2.56 2.02
N GLY A 158 -1.50 2.32 1.19
CA GLY A 158 -1.09 0.98 0.92
C GLY A 158 0.12 0.93 0.03
N ASP A 159 0.82 -0.21 0.13
CA ASP A 159 1.97 -0.47 -0.70
C ASP A 159 1.64 -1.50 -1.79
N SER A 160 2.10 -1.25 -3.01
CA SER A 160 2.03 -2.27 -4.04
C SER A 160 0.54 -2.61 -4.37
N ALA A 161 0.12 -3.88 -4.25
CA ALA A 161 -1.30 -4.25 -4.42
C ALA A 161 -2.13 -3.49 -3.43
N GLY A 162 -1.61 -3.18 -2.24
CA GLY A 162 -2.32 -2.37 -1.26
C GLY A 162 -2.49 -0.92 -1.70
N GLY A 163 -1.53 -0.43 -2.47
CA GLY A 163 -1.63 0.87 -3.08
C GLY A 163 -2.70 0.87 -4.18
N ASN A 164 -2.81 -0.23 -4.90
CA ASN A 164 -3.93 -0.39 -5.84
C ASN A 164 -5.25 -0.24 -5.07
N LEU A 165 -5.40 -0.95 -3.97
CA LEU A 165 -6.62 -0.92 -3.19
C LEU A 165 -6.89 0.47 -2.68
N ALA A 166 -5.89 1.18 -2.18
CA ALA A 166 -6.09 2.52 -1.70
C ALA A 166 -6.60 3.42 -2.85
N ALA A 167 -5.99 3.27 -4.00
CA ALA A 167 -6.34 4.12 -5.12
C ALA A 167 -7.80 3.88 -5.56
N VAL A 168 -8.19 2.61 -5.56
CA VAL A 168 -9.53 2.24 -6.02
C VAL A 168 -10.52 2.71 -4.96
N VAL A 169 -10.30 2.43 -3.69
CA VAL A 169 -11.14 2.92 -2.63
C VAL A 169 -11.32 4.41 -2.77
N SER A 170 -10.27 5.16 -3.06
CA SER A 170 -10.34 6.59 -3.23
C SER A 170 -11.22 6.96 -4.42
N GLN A 171 -11.10 6.25 -5.54
CA GLN A 171 -11.96 6.57 -6.69
C GLN A 171 -13.42 6.27 -6.40
N ARG A 172 -13.72 5.31 -5.57
CA ARG A 172 -15.09 4.91 -5.29
C ARG A 172 -15.68 5.70 -4.14
N ALA A 173 -14.86 6.51 -3.43
CA ALA A 173 -15.29 7.02 -2.14
C ALA A 173 -16.56 7.87 -2.25
N LYS A 174 -16.57 8.85 -3.14
CA LYS A 174 -17.75 9.71 -3.20
C LYS A 174 -18.99 8.89 -3.49
N ASP A 175 -18.89 7.97 -4.42
CA ASP A 175 -20.06 7.17 -4.78
C ASP A 175 -20.52 6.30 -3.63
N GLU A 176 -19.55 5.92 -2.75
CA GLU A 176 -19.81 5.07 -1.61
C GLU A 176 -20.10 5.85 -0.34
N SER A 177 -20.22 7.18 -0.46
CA SER A 177 -20.48 8.06 0.68
C SER A 177 -19.42 7.90 1.78
N LEU A 178 -18.18 7.76 1.33
CA LEU A 178 -17.03 7.51 2.21
C LEU A 178 -16.15 8.76 2.22
N PRO A 179 -16.03 9.40 3.40
CA PRO A 179 -15.23 10.62 3.50
C PRO A 179 -13.75 10.25 3.61
N ILE A 180 -12.99 10.69 2.60
CA ILE A 180 -11.57 10.42 2.53
C ILE A 180 -10.81 11.73 2.37
N ALA A 181 -9.90 11.99 3.32
CA ALA A 181 -9.09 13.19 3.38
C ALA A 181 -7.82 13.10 2.53
N ALA A 182 -7.27 11.90 2.29
CA ALA A 182 -6.03 11.78 1.55
C ALA A 182 -5.86 10.31 1.19
N GLN A 183 -5.01 10.11 0.19
CA GLN A 183 -4.58 8.79 -0.23
C GLN A 183 -3.05 8.76 -0.29
N LEU A 184 -2.49 7.68 0.29
CA LEU A 184 -1.03 7.51 0.28
C LEU A 184 -0.72 6.24 -0.50
N LEU A 185 -0.10 6.38 -1.66
CA LEU A 185 0.13 5.29 -2.57
C LEU A 185 1.64 5.02 -2.58
N PHE A 186 2.02 3.83 -2.10
CA PHE A 186 3.44 3.50 -2.06
C PHE A 186 3.68 2.47 -3.16
N TYR A 187 4.39 2.90 -4.21
CA TYR A 187 4.66 2.08 -5.40
C TYR A 187 3.48 1.19 -5.74
N PRO A 188 2.31 1.83 -6.07
CA PRO A 188 1.11 1.08 -6.38
C PRO A 188 1.17 0.45 -7.77
N ALA A 189 0.42 -0.64 -7.90
CA ALA A 189 0.00 -1.14 -9.20
C ALA A 189 -1.29 -0.43 -9.60
N LEU A 190 -1.29 0.17 -10.80
CA LEU A 190 -2.46 0.98 -11.18
C LEU A 190 -2.96 0.68 -12.57
N ASP A 191 -2.16 0.07 -13.44
CA ASP A 191 -2.63 -0.12 -14.81
C ASP A 191 -2.18 -1.48 -15.30
N MET A 192 -3.10 -2.43 -15.31
CA MET A 192 -2.80 -3.79 -15.72
C MET A 192 -2.92 -3.99 -17.24
N VAL A 193 -3.27 -2.96 -18.00
CA VAL A 193 -3.46 -3.04 -19.44
C VAL A 193 -2.19 -2.66 -20.17
N HIS A 194 -1.59 -1.52 -19.83
CA HIS A 194 -0.54 -0.92 -20.64
C HIS A 194 0.84 -1.30 -20.14
N GLU A 195 1.68 -1.63 -21.10
CA GLU A 195 3.09 -1.70 -20.84
C GLU A 195 3.60 -0.25 -20.76
N THR A 196 4.55 -0.03 -19.88
CA THR A 196 5.22 1.25 -19.76
C THR A 196 6.69 0.97 -19.93
N PRO A 197 7.52 1.98 -20.18
CA PRO A 197 8.96 1.72 -20.28
C PRO A 197 9.56 1.04 -19.05
N SER A 198 9.20 1.49 -17.86
CA SER A 198 9.74 0.88 -16.67
C SER A 198 9.34 -0.59 -16.57
N LYS A 199 8.11 -0.89 -17.00
CA LYS A 199 7.58 -2.23 -16.88
C LYS A 199 8.36 -3.15 -17.82
N ARG A 200 8.81 -2.59 -18.95
CA ARG A 200 9.57 -3.34 -19.92
C ARG A 200 11.01 -3.53 -19.45
N ASP A 201 11.61 -2.47 -18.88
CA ASP A 201 13.05 -2.31 -18.70
C ASP A 201 13.53 -2.85 -17.35
N PHE A 202 12.64 -2.88 -16.36
CA PHE A 202 12.98 -3.40 -15.03
C PHE A 202 12.15 -4.62 -14.69
N ALA A 203 11.88 -5.42 -15.73
CA ALA A 203 10.95 -6.53 -15.62
C ALA A 203 11.48 -7.72 -14.84
N ARG A 204 12.80 -7.81 -14.79
CA ARG A 204 13.48 -8.93 -14.16
C ARG A 204 14.66 -8.44 -13.36
N GLY A 205 14.83 -9.06 -12.17
CA GLY A 205 16.02 -8.83 -11.38
C GLY A 205 15.92 -7.76 -10.30
N TYR A 206 14.75 -7.12 -10.15
CA TYR A 206 14.55 -6.07 -9.16
C TYR A 206 13.43 -6.43 -8.18
N LEU A 207 13.39 -7.69 -7.77
CA LEU A 207 12.58 -8.24 -6.69
C LEU A 207 11.15 -8.47 -7.21
N LEU A 208 10.45 -7.49 -7.80
CA LEU A 208 9.12 -7.63 -8.40
C LEU A 208 9.36 -7.88 -9.87
N GLU A 209 8.99 -9.07 -10.31
CA GLU A 209 9.28 -9.43 -11.68
CA GLU A 209 9.28 -9.54 -11.66
C GLU A 209 8.02 -9.71 -12.49
N ALA A 210 8.19 -9.68 -13.81
CA ALA A 210 7.10 -9.82 -14.76
C ALA A 210 6.36 -11.14 -14.58
N ASP A 211 7.09 -12.25 -14.43
CA ASP A 211 6.48 -13.56 -14.33
C ASP A 211 5.56 -13.62 -13.10
N ALA A 212 6.03 -13.00 -12.02
CA ALA A 212 5.28 -12.96 -10.78
C ALA A 212 4.00 -12.13 -10.95
N MET A 213 4.13 -10.98 -11.60
CA MET A 213 2.96 -10.14 -11.76
C MET A 213 1.92 -10.87 -12.59
N GLN A 214 2.36 -11.59 -13.62
CA GLN A 214 1.43 -12.33 -14.46
C GLN A 214 0.70 -13.32 -13.56
N TRP A 215 1.44 -14.06 -12.76
CA TRP A 215 0.87 -15.06 -11.88
C TRP A 215 -0.09 -14.44 -10.86
N PHE A 216 0.28 -13.28 -10.33
CA PHE A 216 -0.59 -12.62 -9.37
C PHE A 216 -1.93 -12.33 -10.04
N GLY A 217 -1.85 -11.77 -11.27
CA GLY A 217 -3.06 -11.50 -12.01
C GLY A 217 -3.91 -12.74 -12.23
N GLU A 218 -3.27 -13.86 -12.57
CA GLU A 218 -3.95 -15.14 -12.75
C GLU A 218 -4.68 -15.55 -11.47
N GLN A 219 -4.11 -15.24 -10.30
CA GLN A 219 -4.74 -15.63 -9.06
C GLN A 219 -5.95 -14.74 -8.75
N TYR A 220 -5.77 -13.44 -8.97
CA TYR A 220 -6.67 -12.43 -8.44
C TYR A 220 -7.80 -12.14 -9.42
N LEU A 221 -7.51 -12.01 -10.72
CA LEU A 221 -8.57 -11.66 -11.65
C LEU A 221 -9.43 -12.88 -11.96
N ARG A 222 -10.70 -12.66 -12.34
CA ARG A 222 -11.61 -13.76 -12.62
C ARG A 222 -11.30 -14.27 -14.03
N THR A 223 -11.16 -13.32 -14.96
CA THR A 223 -10.82 -13.61 -16.34
C THR A 223 -9.84 -12.56 -16.86
N PRO A 224 -9.13 -12.83 -17.97
CA PRO A 224 -8.21 -11.83 -18.53
C PRO A 224 -8.82 -10.45 -18.79
N ASP A 225 -10.12 -10.38 -19.02
CA ASP A 225 -10.79 -9.13 -19.36
C ASP A 225 -10.80 -8.16 -18.19
N ASP A 226 -10.68 -8.69 -16.97
CA ASP A 226 -10.74 -7.88 -15.77
C ASP A 226 -9.60 -6.84 -15.75
N VAL A 227 -8.54 -7.00 -16.55
CA VAL A 227 -7.47 -6.01 -16.53
C VAL A 227 -7.97 -4.62 -16.87
N SER A 228 -9.05 -4.54 -17.64
CA SER A 228 -9.50 -3.23 -18.12
CA SER A 228 -9.57 -3.28 -18.17
C SER A 228 -10.57 -2.64 -17.22
N HIS A 229 -10.99 -3.37 -16.20
CA HIS A 229 -12.01 -2.90 -15.28
C HIS A 229 -11.39 -1.76 -14.48
N PRO A 230 -12.00 -0.61 -14.18
CA PRO A 230 -11.30 0.43 -13.41
C PRO A 230 -11.09 0.15 -11.93
N TRP A 231 -11.77 -0.87 -11.40
CA TRP A 231 -11.49 -1.28 -10.04
C TRP A 231 -10.28 -2.18 -9.94
N ALA A 232 -9.77 -2.65 -11.10
CA ALA A 232 -8.49 -3.36 -11.17
C ALA A 232 -7.41 -2.40 -11.67
N SER A 233 -7.70 -1.51 -12.62
CA SER A 233 -6.75 -0.63 -13.23
C SER A 233 -7.23 0.80 -13.05
N PRO A 234 -7.16 1.39 -11.86
CA PRO A 234 -7.69 2.73 -11.63
C PRO A 234 -7.06 3.81 -12.50
N ALA A 235 -5.86 3.54 -13.03
CA ALA A 235 -5.28 4.54 -13.91
C ALA A 235 -6.11 4.78 -15.18
N LEU A 236 -6.98 3.84 -15.51
CA LEU A 236 -7.76 3.95 -16.73
C LEU A 236 -8.88 4.95 -16.52
N SER A 237 -9.20 5.34 -15.29
CA SER A 237 -10.38 6.16 -15.09
C SER A 237 -10.19 7.53 -15.72
N PRO A 238 -11.17 8.00 -16.56
CA PRO A 238 -10.95 9.26 -17.24
C PRO A 238 -11.16 10.52 -16.43
N ASP A 239 -11.89 10.46 -15.32
CA ASP A 239 -12.18 11.64 -14.53
C ASP A 239 -11.58 11.45 -13.12
N LEU A 240 -10.52 12.20 -12.87
CA LEU A 240 -9.85 12.16 -11.58
C LEU A 240 -10.12 13.42 -10.75
N THR A 241 -10.99 14.32 -11.26
CA THR A 241 -11.22 15.56 -10.53
C THR A 241 -11.87 15.30 -9.17
N GLY A 242 -11.51 16.12 -8.19
CA GLY A 242 -12.14 16.01 -6.90
C GLY A 242 -11.65 14.84 -6.03
N LEU A 243 -10.67 14.05 -6.51
CA LEU A 243 -10.24 12.90 -5.71
C LEU A 243 -9.42 13.39 -4.54
N PRO A 244 -9.19 12.53 -3.53
CA PRO A 244 -8.48 12.97 -2.34
C PRO A 244 -7.01 13.33 -2.60
N PRO A 245 -6.51 14.37 -1.94
CA PRO A 245 -5.09 14.70 -2.01
C PRO A 245 -4.23 13.44 -1.91
N ALA A 246 -3.24 13.39 -2.78
CA ALA A 246 -2.48 12.16 -3.00
C ALA A 246 -0.98 12.37 -2.80
N LEU A 247 -0.38 11.41 -2.06
CA LEU A 247 1.08 11.24 -1.99
C LEU A 247 1.39 9.99 -2.77
N VAL A 248 2.23 10.10 -3.79
CA VAL A 248 2.55 8.97 -4.62
C VAL A 248 4.05 8.79 -4.57
N ILE A 249 4.44 7.73 -3.88
CA ILE A 249 5.87 7.42 -3.71
C ILE A 249 6.24 6.29 -4.64
N THR A 250 7.27 6.52 -5.47
CA THR A 250 7.73 5.47 -6.37
C THR A 250 9.20 5.13 -6.10
N ALA A 251 9.62 4.02 -6.69
CA ALA A 251 11.04 3.59 -6.61
C ALA A 251 11.59 3.69 -8.03
N GLU A 252 12.83 4.17 -8.19
CA GLU A 252 13.41 4.34 -9.51
C GLU A 252 13.45 3.07 -10.33
N TYR A 253 13.86 1.94 -9.74
CA TYR A 253 14.09 0.73 -10.50
C TYR A 253 13.04 -0.32 -10.18
N ASP A 254 11.83 0.02 -10.61
CA ASP A 254 10.62 -0.69 -10.25
C ASP A 254 9.78 -0.73 -11.53
N PRO A 255 9.38 -1.93 -11.99
CA PRO A 255 8.56 -2.01 -13.19
C PRO A 255 7.31 -1.13 -13.05
N LEU A 256 6.79 -0.96 -11.83
CA LEU A 256 5.54 -0.21 -11.65
C LEU A 256 5.78 1.29 -11.55
N ARG A 257 7.05 1.74 -11.62
CA ARG A 257 7.34 3.15 -11.45
C ARG A 257 6.45 4.02 -12.35
N ASP A 258 6.57 3.72 -13.64
CA ASP A 258 6.01 4.66 -14.63
C ASP A 258 4.50 4.83 -14.54
N GLU A 259 3.79 3.76 -14.20
CA GLU A 259 2.33 3.93 -14.08
C GLU A 259 2.00 4.71 -12.81
N GLY A 260 2.83 4.54 -11.75
CA GLY A 260 2.64 5.32 -10.55
C GLY A 260 2.85 6.81 -10.83
N GLU A 261 3.96 7.14 -11.50
CA GLU A 261 4.31 8.53 -11.73
C GLU A 261 3.29 9.16 -12.70
N ALA A 262 2.89 8.40 -13.74
CA ALA A 262 1.89 8.88 -14.69
C ALA A 262 0.57 9.17 -13.95
N TYR A 263 0.14 8.31 -13.03
CA TYR A 263 -1.07 8.59 -12.30
C TYR A 263 -0.96 9.86 -11.46
N ALA A 264 0.21 10.02 -10.80
CA ALA A 264 0.43 11.25 -10.06
C ALA A 264 0.30 12.48 -10.96
N GLU A 265 0.84 12.41 -12.17
CA GLU A 265 0.77 13.55 -13.09
C GLU A 265 -0.66 13.82 -13.46
N ALA A 266 -1.41 12.73 -13.66
CA ALA A 266 -2.81 12.86 -14.09
C ALA A 266 -3.62 13.48 -12.96
N LEU A 267 -3.40 13.03 -11.71
CA LEU A 267 -4.05 13.62 -10.56
C LEU A 267 -3.76 15.11 -10.49
N ARG A 268 -2.48 15.46 -10.64
CA ARG A 268 -2.07 16.83 -10.50
C ARG A 268 -2.82 17.70 -11.54
N ALA A 269 -2.82 17.23 -12.78
CA ALA A 269 -3.50 17.98 -13.85
C ALA A 269 -4.99 18.00 -13.65
N ALA A 270 -5.54 17.07 -12.87
CA ALA A 270 -6.96 17.09 -12.56
C ALA A 270 -7.27 17.93 -11.33
N GLY A 271 -6.30 18.76 -10.87
CA GLY A 271 -6.50 19.65 -9.73
C GLY A 271 -6.46 18.99 -8.35
N VAL A 272 -6.07 17.71 -8.30
CA VAL A 272 -5.91 17.02 -7.03
C VAL A 272 -4.58 17.45 -6.45
N PRO A 273 -4.59 18.00 -5.22
CA PRO A 273 -3.32 18.26 -4.54
C PRO A 273 -2.48 16.98 -4.47
N THR A 274 -1.29 17.02 -5.06
CA THR A 274 -0.51 15.81 -5.27
C THR A 274 0.95 16.06 -4.99
N GLU A 275 1.55 15.15 -4.23
CA GLU A 275 2.98 15.15 -4.05
C GLU A 275 3.52 13.87 -4.64
N GLN A 276 4.46 13.97 -5.55
CA GLN A 276 5.04 12.85 -6.26
C GLN A 276 6.52 12.79 -5.92
N ILE A 277 6.90 11.70 -5.29
CA ILE A 277 8.29 11.53 -4.83
C ILE A 277 8.83 10.20 -5.32
N ARG A 278 9.85 10.28 -6.16
CA ARG A 278 10.62 9.12 -6.60
C ARG A 278 11.86 9.01 -5.69
N PHE A 279 12.04 7.84 -5.08
CA PHE A 279 13.26 7.53 -4.35
C PHE A 279 14.23 6.90 -5.34
N ASP A 280 15.31 7.64 -5.58
CA ASP A 280 16.31 7.28 -6.57
CA ASP A 280 16.29 7.25 -6.59
C ASP A 280 17.10 6.06 -6.08
N GLY A 281 17.45 5.17 -7.01
CA GLY A 281 18.26 4.02 -6.69
C GLY A 281 17.53 2.93 -5.92
N MET A 282 16.23 3.06 -5.69
CA MET A 282 15.49 2.13 -4.87
C MET A 282 14.71 1.16 -5.75
N ILE A 283 14.17 0.13 -5.12
CA ILE A 283 13.44 -0.93 -5.80
C ILE A 283 12.05 -1.01 -5.17
N HIS A 284 11.14 -1.72 -5.87
CA HIS A 284 9.82 -2.02 -5.36
C HIS A 284 9.90 -2.64 -3.99
N GLY A 285 9.06 -2.28 -3.04
CA GLY A 285 9.00 -2.96 -1.78
C GLY A 285 9.80 -2.27 -0.68
N PHE A 286 10.47 -1.16 -0.99
CA PHE A 286 11.48 -0.65 -0.05
C PHE A 286 10.90 -0.13 1.24
N MET A 287 9.58 0.18 1.27
CA MET A 287 8.99 0.71 2.49
C MET A 287 8.55 -0.41 3.44
N THR A 288 8.80 -1.66 3.10
CA THR A 288 8.69 -2.73 4.08
C THR A 288 10.06 -3.40 4.29
N MET A 289 11.10 -2.68 3.93
CA MET A 289 12.46 -3.25 4.01
C MET A 289 13.35 -2.33 4.83
N PRO A 290 13.30 -2.50 6.18
CA PRO A 290 13.89 -1.49 7.06
C PRO A 290 15.42 -1.55 7.14
N ILE A 291 16.04 -2.44 6.37
CA ILE A 291 17.48 -2.36 6.09
C ILE A 291 17.85 -1.13 5.28
N PHE A 292 16.85 -0.50 4.59
CA PHE A 292 17.13 0.68 3.80
C PHE A 292 16.71 1.90 4.57
N PRO A 293 17.58 2.90 4.79
CA PRO A 293 17.16 4.13 5.45
C PRO A 293 16.07 4.89 4.69
N GLN A 294 15.98 4.66 3.36
CA GLN A 294 14.95 5.30 2.56
C GLN A 294 13.57 4.92 3.07
N MET A 295 13.37 3.76 3.69
CA MET A 295 12.06 3.41 4.24
C MET A 295 11.64 4.47 5.25
N GLU A 296 12.50 4.82 6.19
CA GLU A 296 12.16 5.83 7.15
C GLU A 296 12.08 7.21 6.50
N ALA A 297 12.90 7.51 5.52
CA ALA A 297 12.75 8.79 4.83
C ALA A 297 11.35 8.91 4.22
N ALA A 298 10.88 7.83 3.60
CA ALA A 298 9.55 7.83 2.99
C ALA A 298 8.47 7.98 4.06
N ILE A 299 8.64 7.39 5.23
CA ILE A 299 7.71 7.58 6.33
C ILE A 299 7.71 9.02 6.81
N GLU A 300 8.87 9.67 6.81
CA GLU A 300 8.94 11.09 7.12
CA GLU A 300 8.94 11.08 7.11
C GLU A 300 8.20 11.89 6.05
N ALA A 301 8.33 11.48 4.78
CA ALA A 301 7.57 12.12 3.71
C ALA A 301 6.05 12.07 3.97
N VAL A 302 5.61 10.90 4.43
CA VAL A 302 4.23 10.73 4.80
C VAL A 302 3.88 11.74 5.89
N ALA A 303 4.67 11.79 6.98
CA ALA A 303 4.33 12.72 8.05
C ALA A 303 4.23 14.18 7.56
N ARG A 304 5.22 14.60 6.77
CA ARG A 304 5.24 15.94 6.22
C ARG A 304 4.02 16.21 5.34
N PHE A 305 3.67 15.24 4.50
CA PHE A 305 2.51 15.42 3.62
C PHE A 305 1.28 15.60 4.48
N LEU A 306 1.10 14.73 5.48
CA LEU A 306 -0.11 14.75 6.28
C LEU A 306 -0.21 16.00 7.17
N GLU A 307 0.94 16.61 7.52
CA GLU A 307 0.90 17.88 8.23
C GLU A 307 0.16 18.95 7.44
N ARG A 308 0.14 18.82 6.09
CA ARG A 308 -0.47 19.81 5.21
C ARG A 308 -1.96 19.58 5.00
N ILE A 309 -2.52 18.46 5.47
CA ILE A 309 -3.91 18.09 5.18
C ILE A 309 -4.88 18.92 6.04
N ASP A 310 -4.43 19.12 7.29
CA ASP A 310 -5.26 19.41 8.44
C ASP A 310 -6.07 18.15 8.83
C1 EDO B . -14.89 4.12 -9.64
O1 EDO B . -16.14 3.42 -9.66
C2 EDO B . -14.24 4.05 -10.95
O2 EDO B . -15.00 4.61 -12.00
H11 EDO B . -14.31 3.72 -8.97
H12 EDO B . -15.05 5.06 -9.41
HO1 EDO B . -16.52 3.48 -8.92
H21 EDO B . -14.04 3.11 -11.16
H22 EDO B . -13.38 4.53 -10.89
HO2 EDO B . -15.38 5.32 -11.72
C1 MLI C . -6.05 -14.97 -16.19
C2 MLI C . -5.42 -13.58 -16.37
C3 MLI C . -7.31 -15.00 -15.33
O6 MLI C . -5.38 -12.83 -15.41
O7 MLI C . -4.98 -13.28 -17.49
O8 MLI C . -7.71 -13.95 -14.84
O9 MLI C . -7.90 -16.11 -15.16
H11 MLI C . -5.38 -15.56 -15.77
H12 MLI C . -6.27 -15.33 -17.06
C1 EDO D . 18.74 8.38 -15.70
O1 EDO D . 18.39 8.69 -14.37
C2 EDO D . 19.85 7.41 -15.78
O2 EDO D . 19.54 6.16 -15.17
H11 EDO D . 19.01 9.21 -16.16
H12 EDO D . 17.96 8.02 -16.16
HO1 EDO D . 17.71 9.30 -14.46
H21 EDO D . 20.64 7.79 -15.35
H22 EDO D . 20.07 7.25 -16.72
HO2 EDO D . 18.71 6.12 -15.00
C1 EDO E . 9.62 -7.87 1.46
O1 EDO E . 9.42 -9.21 1.90
C2 EDO E . 8.83 -7.60 0.24
O2 EDO E . 8.84 -6.26 -0.18
H11 EDO E . 10.57 -7.73 1.26
H12 EDO E . 9.36 -7.25 2.17
HO1 EDO E . 9.84 -9.25 2.67
H21 EDO E . 7.91 -7.87 0.41
H22 EDO E . 9.18 -8.16 -0.49
HO2 EDO E . 9.63 -5.95 -0.11
C ACE F . 2.81 -6.53 -3.98
O ACE F . 1.80 -5.91 -3.92
CH3 ACE F . 3.81 -6.38 -5.10
H ACE F . 3.03 -7.17 -3.33
H1 ACE F . 3.48 -5.76 -5.76
H2 ACE F . 3.96 -7.25 -5.51
H3 ACE F . 4.66 -6.06 -4.73
C1 EDO G . -10.05 -2.20 16.60
O1 EDO G . -10.29 -0.90 17.16
C2 EDO G . -9.63 -3.25 17.56
O2 EDO G . -10.73 -4.07 17.98
H11 EDO G . -9.36 -2.12 15.92
H12 EDO G . -10.87 -2.49 16.16
HO1 EDO G . -10.54 -0.37 16.55
H21 EDO G . -9.23 -2.83 18.36
H22 EDO G . -8.95 -3.81 17.15
HO2 EDO G . -11.35 -3.57 18.28
C1 EDO H . -18.90 -2.28 -2.01
O1 EDO H . -20.15 -1.79 -2.45
C2 EDO H . -18.62 -2.12 -0.57
O2 EDO H . -19.69 -2.28 0.33
H11 EDO H . -18.19 -1.82 -2.52
H12 EDO H . -18.84 -3.23 -2.24
HO1 EDO H . -20.15 -1.95 -3.30
H21 EDO H . -18.25 -1.22 -0.43
H22 EDO H . -17.93 -2.77 -0.32
HO2 EDO H . -20.38 -2.53 -0.09
C1 EDO I . -0.26 18.19 -1.57
O1 EDO I . 1.09 18.19 -1.09
C2 EDO I . -1.18 18.25 -0.40
O2 EDO I . -0.69 19.09 0.64
H11 EDO I . -0.42 17.37 -2.08
H12 EDO I . -0.41 18.97 -2.14
HO1 EDO I . 1.60 18.11 -1.76
H21 EDO I . -1.29 17.34 -0.03
H22 EDO I . -2.05 18.57 -0.69
HO2 EDO I . -0.29 19.75 0.30
C1 EDO J . 1.09 -5.94 -7.26
O1 EDO J . 2.35 -6.26 -7.83
C2 EDO J . -0.04 -6.16 -8.18
O2 EDO J . 0.09 -7.33 -8.97
H11 EDO J . 1.10 -4.99 -6.99
H12 EDO J . 0.97 -6.48 -6.45
HO1 EDO J . 2.92 -6.07 -7.23
H21 EDO J . -0.11 -5.39 -8.78
H22 EDO J . -0.87 -6.21 -7.66
HO2 EDO J . 0.87 -7.65 -8.88
C1 EDO K . -1.04 -8.56 -13.33
O1 EDO K . -1.57 -8.32 -14.64
C2 EDO K . -1.59 -7.67 -12.26
O2 EDO K . -1.26 -8.05 -10.93
H11 EDO K . -0.08 -8.45 -13.35
H12 EDO K . -1.24 -9.48 -13.08
HO1 EDO K . -1.19 -8.83 -15.21
H21 EDO K . -2.57 -7.65 -12.35
H22 EDO K . -1.27 -6.76 -12.42
HO2 EDO K . -0.60 -8.59 -10.95
C1 EDO L . 0.91 15.45 12.15
O1 EDO L . -0.18 16.09 11.54
C2 EDO L . 1.24 14.19 11.47
O2 EDO L . 2.13 14.33 10.40
H11 EDO L . 0.69 15.25 13.09
H12 EDO L . 1.69 16.04 12.14
HO1 EDO L . -0.27 16.78 12.11
H21 EDO L . 0.41 13.79 11.13
H22 EDO L . 1.63 13.58 12.12
HO2 EDO L . 2.81 14.79 10.65
#